data_4ELR
#
_entry.id   4ELR
#
_cell.length_a   63.602
_cell.length_b   63.602
_cell.length_c   266.701
_cell.angle_alpha   90.00
_cell.angle_beta   90.00
_cell.angle_gamma   120.00
#
_symmetry.space_group_name_H-M   'P 31 2 1'
#
loop_
_entity.id
_entity.type
_entity.pdbx_description
1 polymer 'Iron ABC transporter, periplasmic iron-binding protein'
2 non-polymer 'FE (III) ION'
3 non-polymer 'CARBONATE ION'
4 water water
#
_entity_poly.entity_id   1
_entity_poly.type   'polypeptide(L)'
_entity_poly.pdbx_seq_one_letter_code
;MMKRYLLTLAAFAALGALAQSPTLTIYSGRGQSLVEPLVKQFEAETGIRVQVRYSTDAQILAALQEEGSRSPADLFWANT
AGALGQASAKGLLRPLGETLLEKPIAFVPASRTWVPVTVRLRVLAYNPDRIKAEELPESLLDLPRFAREKGLVGRVGWTP
TYSSFQDMVAGMIALYGEEKTREWLLAMKALAPKAYPSNPAMLDAIRAGEVDLGSTNHYYVVRFRRAGYRLGMHHFRDGD
AGNLALVTGAGLLKTSKNLAAATRFLTYLLSPQAQQYFVGNIGEYPLVKGVALDPNLLPLEEALAKSPKLDLEKLPLDRA
LRLLRETGVLHHHHHH
;
_entity_poly.pdbx_strand_id   A,B
#
# COMPACT_ATOMS: atom_id res chain seq x y z
N SER A 21 -29.72 -43.86 -15.41
CA SER A 21 -30.61 -42.71 -15.20
C SER A 21 -30.23 -41.81 -14.00
N PRO A 22 -29.75 -42.40 -12.88
CA PRO A 22 -29.21 -41.56 -11.80
C PRO A 22 -27.90 -40.93 -12.25
N THR A 23 -27.96 -39.63 -12.57
CA THR A 23 -26.89 -38.99 -13.34
C THR A 23 -26.32 -37.79 -12.61
N LEU A 24 -24.99 -37.71 -12.53
CA LEU A 24 -24.33 -36.57 -11.95
C LEU A 24 -24.73 -35.31 -12.71
N THR A 25 -25.31 -34.34 -12.00
CA THR A 25 -25.85 -33.16 -12.66
C THR A 25 -25.13 -31.91 -12.19
N ILE A 26 -24.63 -31.14 -13.15
CA ILE A 26 -23.86 -29.96 -12.84
C ILE A 26 -24.55 -28.70 -13.37
N TYR A 27 -24.77 -27.74 -12.48
CA TYR A 27 -25.13 -26.39 -12.88
C TYR A 27 -23.84 -25.60 -13.01
N SER A 28 -23.50 -25.23 -14.24
CA SER A 28 -22.24 -24.55 -14.50
C SER A 28 -22.39 -23.09 -14.92
N GLY A 29 -21.73 -22.20 -14.19
CA GLY A 29 -21.67 -20.80 -14.58
C GLY A 29 -20.53 -20.59 -15.54
N ARG A 30 -19.72 -21.62 -15.79
CA ARG A 30 -18.64 -21.52 -16.75
C ARG A 30 -19.14 -21.79 -18.15
N GLY A 31 -18.49 -21.16 -19.14
CA GLY A 31 -18.89 -21.25 -20.53
C GLY A 31 -18.74 -22.63 -21.17
N GLN A 32 -19.78 -23.04 -21.89
CA GLN A 32 -19.81 -24.38 -22.45
C GLN A 32 -18.65 -24.66 -23.42
N SER A 33 -18.33 -23.71 -24.28
CA SER A 33 -17.31 -23.97 -25.29
C SER A 33 -15.94 -24.05 -24.66
N LEU A 34 -15.80 -23.43 -23.48
CA LEU A 34 -14.54 -23.47 -22.76
C LEU A 34 -14.33 -24.80 -22.02
N VAL A 35 -15.38 -25.30 -21.37
CA VAL A 35 -15.17 -26.42 -20.45
C VAL A 35 -15.77 -27.77 -20.85
N GLU A 36 -16.66 -27.78 -21.84
CA GLU A 36 -17.26 -29.03 -22.28
C GLU A 36 -16.24 -30.13 -22.62
N PRO A 37 -15.15 -29.79 -23.33
CA PRO A 37 -14.16 -30.85 -23.65
C PRO A 37 -13.65 -31.55 -22.40
N LEU A 38 -13.56 -30.78 -21.31
CA LEU A 38 -13.09 -31.32 -20.05
C LEU A 38 -14.13 -32.25 -19.44
N VAL A 39 -15.40 -31.88 -19.55
CA VAL A 39 -16.48 -32.73 -19.09
C VAL A 39 -16.51 -34.05 -19.89
N LYS A 40 -16.35 -33.91 -21.21
CA LYS A 40 -16.30 -35.07 -22.11
C LYS A 40 -15.17 -36.00 -21.74
N GLN A 41 -14.01 -35.43 -21.43
CA GLN A 41 -12.86 -36.24 -21.07
C GLN A 41 -13.11 -36.99 -19.75
N PHE A 42 -13.77 -36.32 -18.83
CA PHE A 42 -14.12 -36.93 -17.54
C PHE A 42 -15.08 -38.12 -17.70
N GLU A 43 -16.15 -37.94 -18.49
CA GLU A 43 -17.07 -39.02 -18.78
C GLU A 43 -16.34 -40.20 -19.41
N ALA A 44 -15.46 -39.90 -20.34
CA ALA A 44 -14.80 -40.94 -21.14
C ALA A 44 -13.86 -41.75 -20.28
N GLU A 45 -13.35 -41.12 -19.23
CA GLU A 45 -12.31 -41.75 -18.44
C GLU A 45 -12.81 -42.44 -17.19
N THR A 46 -13.89 -41.95 -16.61
CA THR A 46 -14.41 -42.49 -15.37
C THR A 46 -15.66 -43.31 -15.61
N GLY A 47 -16.28 -43.10 -16.77
CA GLY A 47 -17.50 -43.79 -17.11
C GLY A 47 -18.73 -43.18 -16.47
N ILE A 48 -18.49 -42.22 -15.57
CA ILE A 48 -19.59 -41.51 -14.94
C ILE A 48 -20.23 -40.56 -15.94
N ARG A 49 -21.53 -40.72 -16.15
CA ARG A 49 -22.22 -39.86 -17.11
C ARG A 49 -22.62 -38.51 -16.49
N VAL A 50 -22.28 -37.45 -17.19
CA VAL A 50 -22.51 -36.12 -16.66
C VAL A 50 -23.50 -35.37 -17.53
N GLN A 51 -24.40 -34.67 -16.85
CA GLN A 51 -25.36 -33.82 -17.50
C GLN A 51 -25.13 -32.40 -16.97
N VAL A 52 -24.75 -31.50 -17.86
CA VAL A 52 -24.43 -30.14 -17.46
C VAL A 52 -25.44 -29.11 -17.94
N ARG A 53 -25.94 -28.30 -17.02
CA ARG A 53 -26.77 -27.17 -17.38
C ARG A 53 -25.92 -25.89 -17.39
N TYR A 54 -25.81 -25.27 -18.57
CA TYR A 54 -24.96 -24.10 -18.69
C TYR A 54 -25.77 -22.82 -18.51
N SER A 55 -25.41 -22.03 -17.50
CA SER A 55 -26.11 -20.79 -17.23
C SER A 55 -25.12 -19.71 -16.79
N THR A 56 -25.61 -18.74 -16.02
CA THR A 56 -24.72 -17.81 -15.38
C THR A 56 -24.82 -18.05 -13.89
N ASP A 57 -23.77 -17.69 -13.18
CA ASP A 57 -23.76 -17.78 -11.73
C ASP A 57 -25.01 -17.16 -11.11
N ALA A 58 -25.44 -15.99 -11.58
CA ALA A 58 -26.64 -15.34 -11.05
C ALA A 58 -27.94 -16.12 -11.30
N GLN A 59 -28.14 -16.61 -12.53
CA GLN A 59 -29.35 -17.37 -12.80
C GLN A 59 -29.34 -18.68 -12.00
N ILE A 60 -28.14 -19.24 -11.83
CA ILE A 60 -27.99 -20.49 -11.10
C ILE A 60 -28.42 -20.29 -9.66
N LEU A 61 -27.87 -19.27 -9.02
CA LEU A 61 -28.30 -18.88 -7.68
C LEU A 61 -29.81 -18.67 -7.56
N ALA A 62 -30.40 -18.02 -8.56
CA ALA A 62 -31.84 -17.82 -8.57
C ALA A 62 -32.58 -19.15 -8.67
N ALA A 63 -32.10 -20.03 -9.55
CA ALA A 63 -32.72 -21.34 -9.76
C ALA A 63 -32.71 -22.22 -8.48
N LEU A 64 -31.61 -22.18 -7.74
CA LEU A 64 -31.47 -22.97 -6.53
C LEU A 64 -32.40 -22.50 -5.40
N GLN A 65 -32.63 -21.19 -5.29
CA GLN A 65 -33.59 -20.67 -4.32
C GLN A 65 -35.02 -21.08 -4.69
N GLU A 66 -35.31 -21.04 -5.97
CA GLU A 66 -36.62 -21.35 -6.48
C GLU A 66 -36.90 -22.85 -6.36
N GLU A 67 -35.92 -23.67 -6.70
CA GLU A 67 -36.06 -25.12 -6.67
C GLU A 67 -36.15 -25.68 -5.26
N GLY A 68 -35.43 -25.05 -4.34
CA GLY A 68 -35.29 -25.57 -2.99
C GLY A 68 -34.86 -27.04 -2.96
N SER A 69 -35.58 -27.84 -2.16
CA SER A 69 -35.19 -29.24 -1.98
C SER A 69 -35.45 -30.08 -3.23
N ARG A 70 -36.20 -29.53 -4.17
CA ARG A 70 -36.54 -30.26 -5.40
C ARG A 70 -35.43 -30.16 -6.44
N SER A 71 -34.36 -29.45 -6.12
CA SER A 71 -33.27 -29.25 -7.08
C SER A 71 -32.63 -30.56 -7.54
N PRO A 72 -32.39 -30.68 -8.84
CA PRO A 72 -31.71 -31.86 -9.40
C PRO A 72 -30.19 -31.70 -9.46
N ALA A 73 -29.68 -30.53 -9.08
CA ALA A 73 -28.25 -30.28 -9.21
C ALA A 73 -27.44 -30.92 -8.10
N ASP A 74 -26.30 -31.48 -8.47
CA ASP A 74 -25.38 -32.04 -7.49
C ASP A 74 -24.25 -31.07 -7.19
N LEU A 75 -23.79 -30.37 -8.23
CA LEU A 75 -22.65 -29.46 -8.12
C LEU A 75 -22.97 -28.12 -8.72
N PHE A 76 -22.46 -27.07 -8.10
CA PHE A 76 -22.47 -25.74 -8.69
C PHE A 76 -21.02 -25.46 -9.04
N TRP A 77 -20.73 -25.47 -10.34
CA TRP A 77 -19.42 -25.10 -10.85
C TRP A 77 -19.48 -23.62 -11.24
N ALA A 78 -19.01 -22.76 -10.35
CA ALA A 78 -19.16 -21.30 -10.51
C ALA A 78 -18.02 -20.64 -11.29
N ASN A 79 -18.38 -19.62 -12.07
CA ASN A 79 -17.39 -18.82 -12.76
C ASN A 79 -16.66 -17.82 -11.81
N THR A 80 -17.31 -17.43 -10.72
CA THR A 80 -16.64 -16.63 -9.68
C THR A 80 -16.93 -17.01 -8.25
N ALA A 81 -15.92 -16.84 -7.41
CA ALA A 81 -16.01 -17.05 -5.96
C ALA A 81 -17.20 -16.38 -5.26
N GLY A 82 -17.50 -15.13 -5.63
CA GLY A 82 -18.62 -14.41 -5.04
C GLY A 82 -19.89 -15.23 -5.05
N ALA A 83 -20.14 -15.91 -6.17
CA ALA A 83 -21.33 -16.72 -6.33
C ALA A 83 -21.35 -17.89 -5.33
N LEU A 84 -20.18 -18.51 -5.13
CA LEU A 84 -20.07 -19.59 -4.15
C LEU A 84 -20.23 -19.08 -2.72
N GLY A 85 -19.72 -17.87 -2.47
CA GLY A 85 -19.96 -17.19 -1.21
C GLY A 85 -21.45 -17.01 -0.94
N GLN A 86 -22.17 -16.55 -1.96
CA GLN A 86 -23.63 -16.42 -1.86
C GLN A 86 -24.28 -17.76 -1.51
N ALA A 87 -23.93 -18.79 -2.27
CA ALA A 87 -24.57 -20.10 -2.09
C ALA A 87 -24.27 -20.65 -0.70
N SER A 88 -23.05 -20.42 -0.25
CA SER A 88 -22.66 -20.81 1.09
C SER A 88 -23.48 -20.05 2.15
N ALA A 89 -23.52 -18.73 2.02
CA ALA A 89 -24.28 -17.88 2.94
C ALA A 89 -25.74 -18.30 3.01
N LYS A 90 -26.27 -18.75 1.87
CA LYS A 90 -27.65 -19.24 1.79
C LYS A 90 -27.77 -20.65 2.33
N GLY A 91 -26.67 -21.21 2.83
CA GLY A 91 -26.67 -22.56 3.36
C GLY A 91 -26.88 -23.67 2.33
N LEU A 92 -26.52 -23.43 1.08
CA LEU A 92 -26.77 -24.40 0.02
C LEU A 92 -25.69 -25.48 -0.15
N LEU A 93 -24.51 -25.27 0.44
CA LEU A 93 -23.35 -26.11 0.16
C LEU A 93 -22.90 -27.00 1.33
N ARG A 94 -22.36 -28.16 1.00
CA ARG A 94 -21.82 -29.09 1.99
C ARG A 94 -20.39 -28.76 2.36
N PRO A 95 -20.02 -29.07 3.60
CA PRO A 95 -18.61 -28.99 4.01
C PRO A 95 -17.75 -29.90 3.14
N LEU A 96 -16.50 -29.52 2.89
CA LEU A 96 -15.58 -30.36 2.13
C LEU A 96 -14.44 -30.83 3.03
N GLY A 97 -13.84 -31.97 2.68
CA GLY A 97 -12.77 -32.57 3.45
C GLY A 97 -11.37 -32.03 3.19
N GLU A 98 -10.47 -32.30 4.14
CA GLU A 98 -9.10 -31.78 4.08
C GLU A 98 -8.40 -32.20 2.80
N THR A 99 -8.61 -33.44 2.37
CA THR A 99 -7.91 -34.00 1.22
C THR A 99 -8.11 -33.12 0.00
N LEU A 100 -9.38 -32.79 -0.23
CA LEU A 100 -9.73 -31.93 -1.33
C LEU A 100 -9.15 -30.51 -1.13
N LEU A 101 -9.31 -29.97 0.07
CA LEU A 101 -8.96 -28.57 0.32
C LEU A 101 -7.46 -28.31 0.51
N GLU A 102 -6.66 -29.38 0.58
CA GLU A 102 -5.21 -29.22 0.76
C GLU A 102 -4.49 -29.00 -0.57
N LYS A 103 -5.16 -29.30 -1.67
CA LYS A 103 -4.52 -29.27 -2.98
C LYS A 103 -4.30 -27.84 -3.51
N PRO A 104 -5.34 -26.99 -3.45
CA PRO A 104 -5.15 -25.65 -4.00
C PRO A 104 -4.09 -24.88 -3.22
N ILE A 105 -3.25 -24.11 -3.92
CA ILE A 105 -2.14 -23.38 -3.32
C ILE A 105 -2.59 -22.10 -2.61
N ALA A 106 -3.83 -21.69 -2.84
CA ALA A 106 -4.39 -20.51 -2.20
C ALA A 106 -5.87 -20.41 -2.48
N PHE A 107 -6.54 -19.50 -1.77
CA PHE A 107 -7.92 -19.11 -2.05
C PHE A 107 -8.98 -20.07 -1.53
N VAL A 108 -8.57 -20.96 -0.63
CA VAL A 108 -9.53 -21.85 0.00
C VAL A 108 -10.41 -21.03 0.93
N PRO A 109 -11.73 -21.16 0.80
CA PRO A 109 -12.60 -20.35 1.64
C PRO A 109 -12.60 -20.80 3.08
N ALA A 110 -12.63 -19.84 4.00
CA ALA A 110 -12.66 -20.11 5.44
C ALA A 110 -13.89 -20.93 5.79
N SER A 111 -14.97 -20.75 5.03
CA SER A 111 -16.17 -21.56 5.23
C SER A 111 -15.92 -23.02 4.86
N ARG A 112 -14.93 -23.26 4.00
CA ARG A 112 -14.57 -24.61 3.56
C ARG A 112 -15.75 -25.33 2.92
N THR A 113 -16.61 -24.59 2.23
CA THR A 113 -17.79 -25.20 1.59
C THR A 113 -17.69 -25.24 0.06
N TRP A 114 -16.51 -24.91 -0.47
CA TRP A 114 -16.27 -25.05 -1.89
C TRP A 114 -14.77 -25.05 -2.16
N VAL A 115 -14.37 -25.49 -3.35
CA VAL A 115 -12.95 -25.55 -3.69
C VAL A 115 -12.61 -24.63 -4.87
N PRO A 116 -11.54 -23.83 -4.74
CA PRO A 116 -11.09 -23.01 -5.86
C PRO A 116 -10.39 -23.90 -6.87
N VAL A 117 -10.44 -23.52 -8.15
CA VAL A 117 -9.96 -24.39 -9.22
C VAL A 117 -8.95 -23.66 -10.11
N THR A 118 -9.31 -22.47 -10.56
CA THR A 118 -8.38 -21.66 -11.33
C THR A 118 -8.44 -20.23 -10.81
N VAL A 119 -7.42 -19.46 -11.10
CA VAL A 119 -7.47 -18.04 -10.82
C VAL A 119 -7.34 -17.27 -12.13
N ARG A 120 -8.03 -16.14 -12.23
CA ARG A 120 -7.92 -15.23 -13.36
C ARG A 120 -7.77 -13.79 -12.86
N LEU A 121 -7.28 -12.92 -13.73
CA LEU A 121 -6.99 -11.54 -13.37
C LEU A 121 -7.85 -10.63 -14.23
N ARG A 122 -8.60 -9.73 -13.59
CA ARG A 122 -9.22 -8.63 -14.31
C ARG A 122 -8.13 -7.73 -14.93
N VAL A 123 -8.32 -7.35 -16.18
CA VAL A 123 -7.42 -6.46 -16.88
C VAL A 123 -8.20 -5.48 -17.76
N LEU A 124 -7.49 -4.51 -18.32
CA LEU A 124 -8.12 -3.63 -19.28
C LEU A 124 -7.55 -3.93 -20.67
N ALA A 125 -8.44 -4.37 -21.56
CA ALA A 125 -8.06 -4.65 -22.93
C ALA A 125 -8.23 -3.38 -23.74
N TYR A 126 -7.38 -3.19 -24.73
CA TYR A 126 -7.48 -1.97 -25.51
C TYR A 126 -6.83 -2.11 -26.87
N ASN A 127 -7.28 -1.28 -27.81
CA ASN A 127 -6.71 -1.20 -29.13
C ASN A 127 -5.53 -0.23 -29.11
N PRO A 128 -4.32 -0.76 -29.31
CA PRO A 128 -3.08 0.04 -29.19
C PRO A 128 -2.94 1.05 -30.33
N ASP A 129 -3.66 0.82 -31.43
CA ASP A 129 -3.65 1.76 -32.54
C ASP A 129 -4.49 2.97 -32.21
N ARG A 130 -5.33 2.85 -31.19
CA ARG A 130 -6.27 3.92 -30.85
C ARG A 130 -5.94 4.60 -29.53
N ILE A 131 -5.20 3.89 -28.68
CA ILE A 131 -4.96 4.31 -27.32
C ILE A 131 -3.49 4.03 -27.04
N LYS A 132 -2.83 4.99 -26.41
CA LYS A 132 -1.43 4.81 -26.04
C LYS A 132 -1.36 4.35 -24.60
N ALA A 133 -0.58 3.29 -24.36
CA ALA A 133 -0.45 2.71 -23.03
C ALA A 133 -0.22 3.74 -21.93
N GLU A 134 0.64 4.73 -22.21
CA GLU A 134 1.10 5.70 -21.20
C GLU A 134 0.00 6.62 -20.72
N GLU A 135 -1.03 6.81 -21.54
CA GLU A 135 -2.12 7.71 -21.19
C GLU A 135 -3.26 7.05 -20.40
N LEU A 136 -3.32 5.71 -20.39
CA LEU A 136 -4.38 5.03 -19.65
C LEU A 136 -4.25 5.32 -18.16
N PRO A 137 -5.39 5.39 -17.45
CA PRO A 137 -5.40 5.77 -16.03
C PRO A 137 -4.79 4.68 -15.15
N GLU A 138 -4.32 5.08 -13.97
CA GLU A 138 -3.77 4.13 -13.00
C GLU A 138 -4.86 3.46 -12.17
N SER A 139 -6.09 3.95 -12.27
CA SER A 139 -7.18 3.41 -11.50
C SER A 139 -8.45 3.30 -12.32
N LEU A 140 -9.17 2.19 -12.16
CA LEU A 140 -10.44 1.96 -12.84
C LEU A 140 -11.47 3.05 -12.49
N LEU A 141 -11.38 3.62 -11.29
CA LEU A 141 -12.29 4.70 -10.92
C LEU A 141 -12.14 5.91 -11.84
N ASP A 142 -10.95 6.07 -12.45
CA ASP A 142 -10.68 7.22 -13.31
C ASP A 142 -10.98 6.97 -14.78
N LEU A 143 -11.58 5.82 -15.08
CA LEU A 143 -11.83 5.42 -16.46
C LEU A 143 -12.84 6.33 -17.17
N PRO A 144 -13.97 6.63 -16.52
CA PRO A 144 -14.93 7.57 -17.12
C PRO A 144 -14.30 8.93 -17.41
N ARG A 145 -13.50 9.45 -16.49
CA ARG A 145 -12.82 10.72 -16.70
C ARG A 145 -11.97 10.64 -17.95
N PHE A 146 -11.11 9.63 -17.98
CA PHE A 146 -10.24 9.40 -19.12
C PHE A 146 -11.03 9.27 -20.41
N ALA A 147 -12.10 8.49 -20.38
CA ALA A 147 -12.92 8.29 -21.58
C ALA A 147 -13.56 9.59 -22.08
N ARG A 148 -14.05 10.39 -21.13
CA ARG A 148 -14.58 11.70 -21.45
C ARG A 148 -13.52 12.54 -22.15
N GLU A 149 -12.33 12.60 -21.56
CA GLU A 149 -11.27 13.44 -22.08
C GLU A 149 -10.76 13.03 -23.46
N LYS A 150 -10.87 11.75 -23.80
CA LYS A 150 -10.43 11.32 -25.13
C LYS A 150 -11.58 11.27 -26.13
N GLY A 151 -12.77 11.74 -25.73
CA GLY A 151 -13.94 11.68 -26.59
C GLY A 151 -14.36 10.26 -26.98
N LEU A 152 -14.41 9.36 -26.00
CA LEU A 152 -14.70 7.95 -26.29
C LEU A 152 -16.16 7.56 -26.08
N VAL A 153 -17.07 8.51 -26.23
CA VAL A 153 -18.50 8.25 -26.16
C VAL A 153 -18.86 7.11 -27.11
N GLY A 154 -19.63 6.14 -26.62
CA GLY A 154 -19.96 4.96 -27.39
C GLY A 154 -18.79 4.09 -27.83
N ARG A 155 -17.62 4.28 -27.23
CA ARG A 155 -16.42 3.53 -27.65
C ARG A 155 -15.75 2.84 -26.48
N VAL A 156 -16.53 2.64 -25.43
CA VAL A 156 -16.12 1.82 -24.30
C VAL A 156 -17.02 0.60 -24.24
N GLY A 157 -16.42 -0.57 -24.05
CA GLY A 157 -17.18 -1.79 -23.95
C GLY A 157 -17.22 -2.34 -22.54
N TRP A 158 -18.33 -2.97 -22.19
CA TRP A 158 -18.39 -3.75 -20.96
C TRP A 158 -19.30 -4.96 -21.09
N THR A 159 -19.29 -5.80 -20.07
CA THR A 159 -20.01 -7.09 -20.09
C THR A 159 -20.84 -7.29 -18.83
N PRO A 160 -21.98 -6.59 -18.75
CA PRO A 160 -22.78 -6.55 -17.52
C PRO A 160 -23.30 -7.93 -17.07
N THR A 161 -23.56 -8.84 -18.00
CA THR A 161 -24.08 -10.16 -17.62
C THR A 161 -22.97 -11.18 -17.27
N TYR A 162 -21.71 -10.78 -17.40
CA TYR A 162 -20.60 -11.68 -17.14
C TYR A 162 -20.22 -11.65 -15.65
N SER A 163 -20.18 -12.82 -15.01
CA SER A 163 -20.07 -12.87 -13.55
C SER A 163 -18.75 -12.33 -12.97
N SER A 164 -17.66 -12.43 -13.72
CA SER A 164 -16.39 -11.85 -13.30
C SER A 164 -16.45 -10.33 -13.24
N PHE A 165 -17.17 -9.73 -14.18
CA PHE A 165 -17.40 -8.30 -14.14
C PHE A 165 -18.24 -7.93 -12.91
N GLN A 166 -19.28 -8.72 -12.65
CA GLN A 166 -20.11 -8.51 -11.48
C GLN A 166 -19.31 -8.63 -10.18
N ASP A 167 -18.37 -9.58 -10.13
CA ASP A 167 -17.52 -9.72 -8.97
C ASP A 167 -16.54 -8.54 -8.84
N MET A 168 -16.08 -8.04 -9.97
CA MET A 168 -15.22 -6.86 -9.94
C MET A 168 -15.98 -5.71 -9.30
N VAL A 169 -17.27 -5.59 -9.63
CA VAL A 169 -18.10 -4.52 -9.06
C VAL A 169 -18.33 -4.74 -7.57
N ALA A 170 -18.63 -5.97 -7.17
CA ALA A 170 -18.68 -6.31 -5.76
C ALA A 170 -17.39 -5.91 -5.07
N GLY A 171 -16.28 -6.12 -5.78
CA GLY A 171 -14.96 -5.78 -5.30
C GLY A 171 -14.81 -4.30 -5.02
N MET A 172 -15.42 -3.48 -5.88
CA MET A 172 -15.38 -2.04 -5.72
C MET A 172 -16.22 -1.62 -4.52
N ILE A 173 -17.37 -2.27 -4.35
CA ILE A 173 -18.19 -2.00 -3.18
C ILE A 173 -17.39 -2.28 -1.90
N ALA A 174 -16.69 -3.41 -1.89
CA ALA A 174 -15.88 -3.79 -0.74
C ALA A 174 -14.72 -2.83 -0.50
N LEU A 175 -14.11 -2.35 -1.57
CA LEU A 175 -12.96 -1.45 -1.46
C LEU A 175 -13.28 0.04 -1.29
N TYR A 176 -14.33 0.52 -1.95
CA TYR A 176 -14.61 1.95 -2.05
C TYR A 176 -15.98 2.29 -1.48
N GLY A 177 -16.79 1.27 -1.22
CA GLY A 177 -18.12 1.51 -0.71
C GLY A 177 -19.18 1.64 -1.80
N GLU A 178 -20.42 1.38 -1.42
CA GLU A 178 -21.53 1.39 -2.36
C GLU A 178 -21.70 2.74 -3.07
N GLU A 179 -21.39 3.82 -2.36
CA GLU A 179 -21.60 5.17 -2.87
C GLU A 179 -20.70 5.52 -4.06
N LYS A 180 -19.40 5.41 -3.85
CA LYS A 180 -18.40 5.55 -4.90
C LYS A 180 -18.64 4.61 -6.09
N THR A 181 -19.00 3.36 -5.80
CA THR A 181 -19.23 2.37 -6.86
C THR A 181 -20.43 2.74 -7.72
N ARG A 182 -21.53 3.12 -7.08
CA ARG A 182 -22.70 3.53 -7.82
C ARG A 182 -22.36 4.71 -8.72
N GLU A 183 -21.53 5.61 -8.21
CA GLU A 183 -21.23 6.80 -8.99
C GLU A 183 -20.26 6.48 -10.13
N TRP A 184 -19.40 5.50 -9.94
CA TRP A 184 -18.56 5.03 -11.02
C TRP A 184 -19.43 4.42 -12.11
N LEU A 185 -20.40 3.61 -11.71
CA LEU A 185 -21.29 2.95 -12.64
C LEU A 185 -22.03 3.98 -13.47
N LEU A 186 -22.60 4.98 -12.79
CA LEU A 186 -23.39 5.99 -13.47
C LEU A 186 -22.52 6.81 -14.43
N ALA A 187 -21.30 7.07 -14.00
CA ALA A 187 -20.37 7.78 -14.87
C ALA A 187 -20.00 6.95 -16.11
N MET A 188 -19.87 5.64 -15.96
CA MET A 188 -19.64 4.73 -17.10
C MET A 188 -20.84 4.74 -18.03
N LYS A 189 -22.02 4.73 -17.42
CA LYS A 189 -23.28 4.68 -18.16
C LYS A 189 -23.44 5.93 -19.02
N ALA A 190 -22.92 7.06 -18.54
CA ALA A 190 -23.05 8.32 -19.24
C ALA A 190 -22.21 8.32 -20.53
N LEU A 191 -21.19 7.48 -20.58
CA LEU A 191 -20.37 7.38 -21.78
C LEU A 191 -21.04 6.57 -22.90
N ALA A 192 -22.29 6.18 -22.67
CA ALA A 192 -23.01 5.32 -23.60
C ALA A 192 -22.18 4.11 -24.04
N PRO A 193 -21.74 3.29 -23.06
CA PRO A 193 -20.92 2.13 -23.41
C PRO A 193 -21.72 1.06 -24.13
N LYS A 194 -21.03 0.21 -24.87
CA LYS A 194 -21.68 -0.89 -25.53
C LYS A 194 -21.51 -2.15 -24.67
N ALA A 195 -22.60 -2.91 -24.56
CA ALA A 195 -22.66 -4.13 -23.77
C ALA A 195 -22.43 -5.32 -24.67
N TYR A 196 -21.55 -6.22 -24.25
CA TYR A 196 -21.31 -7.46 -25.00
C TYR A 196 -21.71 -8.68 -24.21
N PRO A 197 -22.38 -9.62 -24.88
CA PRO A 197 -22.86 -10.88 -24.28
C PRO A 197 -21.70 -11.79 -23.84
N SER A 198 -20.54 -11.60 -24.44
CA SER A 198 -19.39 -12.43 -24.11
C SER A 198 -18.11 -11.59 -24.23
N ASN A 199 -17.05 -12.06 -23.58
CA ASN A 199 -15.77 -11.37 -23.66
C ASN A 199 -15.12 -11.43 -25.03
N PRO A 200 -15.18 -12.61 -25.69
CA PRO A 200 -14.64 -12.67 -27.04
C PRO A 200 -15.36 -11.71 -28.01
N ALA A 201 -16.67 -11.56 -27.84
CA ALA A 201 -17.39 -10.57 -28.65
C ALA A 201 -16.81 -9.18 -28.42
N MET A 202 -16.63 -8.81 -27.16
CA MET A 202 -16.06 -7.50 -26.86
C MET A 202 -14.68 -7.35 -27.51
N LEU A 203 -13.82 -8.35 -27.36
CA LEU A 203 -12.46 -8.24 -27.90
C LEU A 203 -12.46 -8.13 -29.42
N ASP A 204 -13.38 -8.83 -30.08
CA ASP A 204 -13.58 -8.67 -31.53
C ASP A 204 -13.94 -7.23 -31.87
N ALA A 205 -14.83 -6.65 -31.07
CA ALA A 205 -15.28 -5.28 -31.28
C ALA A 205 -14.14 -4.27 -31.09
N ILE A 206 -13.25 -4.54 -30.14
CA ILE A 206 -12.08 -3.70 -29.93
C ILE A 206 -11.17 -3.75 -31.15
N ARG A 207 -10.87 -4.94 -31.63
CA ARG A 207 -10.02 -5.07 -32.81
C ARG A 207 -10.69 -4.41 -34.02
N ALA A 208 -12.00 -4.57 -34.13
CA ALA A 208 -12.76 -4.03 -35.25
C ALA A 208 -12.97 -2.53 -35.18
N GLY A 209 -12.71 -1.94 -34.02
CA GLY A 209 -12.83 -0.50 -33.87
C GLY A 209 -14.22 -0.02 -33.52
N GLU A 210 -15.09 -0.92 -33.06
CA GLU A 210 -16.40 -0.52 -32.58
C GLU A 210 -16.32 0.07 -31.17
N VAL A 211 -15.36 -0.40 -30.40
CA VAL A 211 -15.02 0.23 -29.13
C VAL A 211 -13.50 0.21 -29.01
N ASP A 212 -12.95 0.98 -28.09
CA ASP A 212 -11.50 1.08 -27.99
C ASP A 212 -10.91 0.34 -26.80
N LEU A 213 -11.73 0.11 -25.78
CA LEU A 213 -11.22 -0.56 -24.59
C LEU A 213 -12.36 -1.20 -23.81
N GLY A 214 -12.00 -2.16 -22.96
CA GLY A 214 -12.97 -2.82 -22.10
C GLY A 214 -12.30 -3.63 -21.01
N SER A 215 -13.00 -3.80 -19.89
CA SER A 215 -12.46 -4.59 -18.80
C SER A 215 -12.81 -6.08 -19.01
N THR A 216 -11.83 -6.94 -18.79
CA THR A 216 -11.99 -8.34 -19.09
C THR A 216 -11.13 -9.24 -18.20
N ASN A 217 -11.17 -10.55 -18.45
CA ASN A 217 -10.27 -11.50 -17.80
C ASN A 217 -9.03 -11.73 -18.66
N HIS A 218 -7.88 -11.89 -18.02
CA HIS A 218 -6.61 -11.96 -18.74
C HIS A 218 -6.57 -13.09 -19.78
N TYR A 219 -7.17 -14.23 -19.47
CA TYR A 219 -7.08 -15.37 -20.38
C TYR A 219 -7.76 -15.10 -21.74
N TYR A 220 -8.76 -14.24 -21.76
CA TYR A 220 -9.37 -13.87 -23.05
C TYR A 220 -8.38 -13.12 -23.95
N VAL A 221 -7.58 -12.25 -23.35
CA VAL A 221 -6.49 -11.61 -24.09
C VAL A 221 -5.47 -12.65 -24.55
N VAL A 222 -5.10 -13.54 -23.63
CA VAL A 222 -4.15 -14.61 -23.96
C VAL A 222 -4.62 -15.44 -25.15
N ARG A 223 -5.88 -15.84 -25.14
CA ARG A 223 -6.42 -16.62 -26.24
C ARG A 223 -6.46 -15.84 -27.54
N PHE A 224 -6.80 -14.55 -27.45
CA PHE A 224 -6.88 -13.69 -28.64
C PHE A 224 -5.51 -13.62 -29.29
N ARG A 225 -4.48 -13.42 -28.47
CA ARG A 225 -3.13 -13.31 -28.96
C ARG A 225 -2.63 -14.60 -29.60
N ARG A 226 -2.85 -15.74 -28.92
CA ARG A 226 -2.46 -17.03 -29.47
C ARG A 226 -3.03 -17.24 -30.87
N ALA A 227 -4.23 -16.72 -31.10
CA ALA A 227 -4.87 -16.81 -32.41
C ALA A 227 -4.31 -15.85 -33.46
N GLY A 228 -3.24 -15.15 -33.11
CA GLY A 228 -2.55 -14.30 -34.07
C GLY A 228 -2.98 -12.84 -34.04
N TYR A 229 -3.87 -12.49 -33.12
CA TYR A 229 -4.36 -11.12 -33.05
C TYR A 229 -3.58 -10.29 -32.05
N ARG A 230 -3.37 -9.02 -32.39
CA ARG A 230 -2.68 -8.11 -31.49
C ARG A 230 -3.71 -7.34 -30.67
N LEU A 231 -3.36 -7.12 -29.41
CA LEU A 231 -4.28 -6.51 -28.47
C LEU A 231 -3.50 -6.06 -27.25
N GLY A 232 -3.75 -4.84 -26.80
CA GLY A 232 -3.13 -4.32 -25.61
C GLY A 232 -3.77 -4.83 -24.34
N MET A 233 -2.94 -5.00 -23.32
CA MET A 233 -3.41 -5.38 -22.00
C MET A 233 -2.81 -4.43 -20.97
N HIS A 234 -3.68 -3.76 -20.23
CA HIS A 234 -3.26 -2.71 -19.33
C HIS A 234 -3.59 -3.09 -17.89
N HIS A 235 -2.61 -2.93 -17.01
CA HIS A 235 -2.84 -3.14 -15.59
C HIS A 235 -2.95 -1.79 -14.87
N PHE A 236 -3.88 -1.70 -13.94
CA PHE A 236 -3.92 -0.54 -13.06
C PHE A 236 -2.84 -0.68 -11.98
N ARG A 237 -2.81 0.24 -11.03
CA ARG A 237 -1.75 0.19 -10.04
C ARG A 237 -2.04 -0.95 -9.07
N ASP A 238 -0.99 -1.60 -8.59
CA ASP A 238 -1.13 -2.64 -7.59
C ASP A 238 -2.17 -2.24 -6.57
N GLY A 239 -3.09 -3.16 -6.31
CA GLY A 239 -4.13 -2.96 -5.32
C GLY A 239 -5.41 -2.39 -5.87
N ASP A 240 -5.38 -1.87 -7.09
CA ASP A 240 -6.59 -1.33 -7.70
C ASP A 240 -7.69 -2.37 -7.93
N ALA A 241 -8.94 -1.93 -7.73
CA ALA A 241 -10.10 -2.77 -7.99
C ALA A 241 -10.08 -3.38 -9.40
N GLY A 242 -9.63 -2.61 -10.38
CA GLY A 242 -9.58 -3.08 -11.76
C GLY A 242 -8.58 -4.17 -12.05
N ASN A 243 -7.78 -4.56 -11.04
CA ASN A 243 -6.82 -5.64 -11.17
C ASN A 243 -7.23 -6.86 -10.37
N LEU A 244 -8.51 -6.94 -10.01
CA LEU A 244 -8.96 -7.97 -9.08
C LEU A 244 -8.62 -9.38 -9.57
N ALA A 245 -7.99 -10.16 -8.70
CA ALA A 245 -7.77 -11.59 -8.99
C ALA A 245 -8.95 -12.38 -8.51
N LEU A 246 -9.57 -13.14 -9.42
CA LEU A 246 -10.73 -13.94 -9.09
C LEU A 246 -10.48 -15.42 -9.33
N VAL A 247 -11.36 -16.22 -8.77
CA VAL A 247 -11.14 -17.63 -8.73
C VAL A 247 -12.45 -18.30 -9.21
N THR A 248 -12.32 -19.35 -10.05
CA THR A 248 -13.45 -20.25 -10.29
C THR A 248 -13.44 -21.30 -9.19
N GLY A 249 -14.59 -21.94 -8.98
CA GLY A 249 -14.66 -22.97 -7.97
C GLY A 249 -15.90 -23.83 -8.13
N ALA A 250 -15.98 -24.83 -7.27
CA ALA A 250 -17.11 -25.73 -7.32
C ALA A 250 -17.51 -26.17 -5.92
N GLY A 251 -18.81 -26.33 -5.73
CA GLY A 251 -19.34 -26.68 -4.43
C GLY A 251 -20.35 -27.80 -4.57
N LEU A 252 -20.39 -28.64 -3.55
CA LEU A 252 -21.34 -29.75 -3.49
C LEU A 252 -22.63 -29.29 -2.80
N LEU A 253 -23.75 -29.47 -3.47
CA LEU A 253 -25.05 -29.08 -2.92
C LEU A 253 -25.58 -30.06 -1.87
N LYS A 254 -26.08 -29.52 -0.76
CA LYS A 254 -26.66 -30.36 0.29
C LYS A 254 -27.78 -31.30 -0.20
N THR A 255 -28.58 -30.85 -1.18
CA THR A 255 -29.67 -31.66 -1.69
C THR A 255 -29.21 -32.87 -2.51
N SER A 256 -27.94 -32.89 -2.90
CA SER A 256 -27.42 -33.95 -3.77
C SER A 256 -27.58 -35.41 -3.24
N LYS A 257 -27.96 -36.31 -4.14
CA LYS A 257 -27.96 -37.73 -3.80
C LYS A 257 -26.92 -38.45 -4.64
N ASN A 258 -25.93 -37.70 -5.14
CA ASN A 258 -24.82 -38.25 -5.92
C ASN A 258 -23.50 -37.77 -5.33
N LEU A 259 -23.36 -37.93 -4.03
CA LEU A 259 -22.24 -37.34 -3.32
C LEU A 259 -20.90 -37.90 -3.78
N ALA A 260 -20.85 -39.22 -3.97
CA ALA A 260 -19.59 -39.86 -4.27
C ALA A 260 -19.07 -39.44 -5.65
N ALA A 261 -19.98 -39.33 -6.61
CA ALA A 261 -19.64 -38.98 -7.97
C ALA A 261 -19.31 -37.50 -8.05
N ALA A 262 -20.05 -36.68 -7.31
CA ALA A 262 -19.80 -35.26 -7.29
C ALA A 262 -18.43 -34.96 -6.68
N THR A 263 -18.08 -35.66 -5.59
CA THR A 263 -16.76 -35.50 -4.98
C THR A 263 -15.66 -35.91 -5.95
N ARG A 264 -15.91 -37.00 -6.68
CA ARG A 264 -15.00 -37.46 -7.70
C ARG A 264 -14.74 -36.39 -8.76
N PHE A 265 -15.80 -35.71 -9.19
CA PHE A 265 -15.64 -34.65 -10.18
C PHE A 265 -14.85 -33.46 -9.62
N LEU A 266 -15.06 -33.14 -8.35
CA LEU A 266 -14.28 -32.06 -7.72
C LEU A 266 -12.81 -32.43 -7.73
N THR A 267 -12.53 -33.67 -7.38
CA THR A 267 -11.17 -34.16 -7.37
C THR A 267 -10.60 -34.04 -8.76
N TYR A 268 -11.40 -34.41 -9.74
CA TYR A 268 -10.97 -34.32 -11.13
C TYR A 268 -10.58 -32.89 -11.56
N LEU A 269 -11.33 -31.90 -11.08
CA LEU A 269 -11.04 -30.49 -11.39
C LEU A 269 -9.64 -30.06 -10.94
N LEU A 270 -9.13 -30.69 -9.88
CA LEU A 270 -7.79 -30.38 -9.38
C LEU A 270 -6.74 -31.34 -9.90
N SER A 271 -7.12 -32.22 -10.84
CA SER A 271 -6.18 -33.20 -11.37
C SER A 271 -5.23 -32.54 -12.34
N PRO A 272 -4.04 -33.12 -12.51
CA PRO A 272 -3.03 -32.61 -13.45
C PRO A 272 -3.60 -32.34 -14.83
N GLN A 273 -4.41 -33.27 -15.34
CA GLN A 273 -4.89 -33.15 -16.71
C GLN A 273 -5.94 -32.06 -16.82
N ALA A 274 -6.80 -31.92 -15.83
CA ALA A 274 -7.70 -30.79 -15.84
C ALA A 274 -6.91 -29.48 -15.74
N GLN A 275 -6.07 -29.39 -14.71
CA GLN A 275 -5.27 -28.19 -14.50
C GLN A 275 -4.44 -27.81 -15.73
N GLN A 276 -3.86 -28.82 -16.39
CA GLN A 276 -3.08 -28.59 -17.59
C GLN A 276 -3.96 -28.05 -18.71
N TYR A 277 -5.20 -28.52 -18.77
CA TYR A 277 -6.16 -28.04 -19.76
C TYR A 277 -6.53 -26.55 -19.55
N PHE A 278 -6.79 -26.21 -18.30
CA PHE A 278 -7.13 -24.84 -17.94
C PHE A 278 -6.05 -23.87 -18.40
N VAL A 279 -4.78 -24.24 -18.19
CA VAL A 279 -3.69 -23.35 -18.57
C VAL A 279 -3.35 -23.42 -20.05
N GLY A 280 -3.28 -24.64 -20.59
CA GLY A 280 -2.88 -24.79 -21.98
C GLY A 280 -3.98 -24.43 -22.97
N ASN A 281 -5.22 -24.75 -22.63
CA ASN A 281 -6.33 -24.49 -23.56
C ASN A 281 -7.00 -23.17 -23.28
N ILE A 282 -7.20 -22.86 -22.01
CA ILE A 282 -8.00 -21.70 -21.67
C ILE A 282 -7.11 -20.49 -21.45
N GLY A 283 -5.93 -20.71 -20.88
CA GLY A 283 -4.99 -19.63 -20.64
C GLY A 283 -5.07 -19.04 -19.24
N GLU A 284 -5.87 -19.64 -18.37
CA GLU A 284 -5.97 -19.14 -17.00
C GLU A 284 -4.89 -19.74 -16.11
N TYR A 285 -4.79 -19.27 -14.87
CA TYR A 285 -3.78 -19.75 -13.94
C TYR A 285 -4.29 -20.94 -13.14
N PRO A 286 -3.45 -21.99 -13.03
CA PRO A 286 -3.78 -23.20 -12.30
C PRO A 286 -3.62 -22.98 -10.79
N LEU A 287 -4.31 -23.77 -9.97
CA LEU A 287 -4.20 -23.62 -8.52
C LEU A 287 -3.47 -24.78 -7.85
N VAL A 288 -3.08 -25.79 -8.62
CA VAL A 288 -2.22 -26.82 -8.06
C VAL A 288 -0.77 -26.65 -8.44
N LYS A 289 0.08 -26.68 -7.42
CA LYS A 289 1.50 -26.44 -7.58
C LYS A 289 2.09 -27.48 -8.52
N GLY A 290 2.93 -27.01 -9.43
CA GLY A 290 3.65 -27.91 -10.28
C GLY A 290 3.19 -27.89 -11.73
N VAL A 291 1.98 -27.41 -12.00
CA VAL A 291 1.55 -27.38 -13.38
C VAL A 291 1.98 -26.08 -14.01
N ALA A 292 2.79 -26.19 -15.05
CA ALA A 292 3.58 -25.08 -15.57
C ALA A 292 2.90 -24.24 -16.65
N LEU A 293 3.22 -22.95 -16.66
CA LEU A 293 2.81 -22.06 -17.74
C LEU A 293 3.91 -22.01 -18.78
N ASP A 294 3.55 -21.65 -20.00
CA ASP A 294 4.55 -21.24 -20.98
C ASP A 294 5.32 -20.03 -20.44
N PRO A 295 6.61 -19.92 -20.81
CA PRO A 295 7.52 -18.84 -20.40
C PRO A 295 7.03 -17.44 -20.77
N ASN A 296 6.24 -17.33 -21.83
CA ASN A 296 5.84 -16.03 -22.38
C ASN A 296 4.63 -15.40 -21.68
N LEU A 297 4.02 -16.13 -20.76
CA LEU A 297 2.88 -15.61 -20.02
C LEU A 297 3.31 -14.83 -18.79
N LEU A 298 2.51 -13.82 -18.43
CA LEU A 298 2.69 -13.14 -17.16
C LEU A 298 2.61 -14.15 -16.02
N PRO A 299 3.70 -14.31 -15.25
CA PRO A 299 3.72 -15.31 -14.18
C PRO A 299 2.64 -15.09 -13.14
N LEU A 300 2.23 -16.19 -12.51
CA LEU A 300 1.12 -16.20 -11.57
C LEU A 300 1.32 -15.22 -10.42
N GLU A 301 2.51 -15.24 -9.85
CA GLU A 301 2.81 -14.42 -8.68
C GLU A 301 2.85 -12.91 -8.99
N GLU A 302 3.32 -12.54 -10.17
CA GLU A 302 3.29 -11.16 -10.61
C GLU A 302 1.85 -10.74 -10.82
N ALA A 303 1.07 -11.64 -11.37
CA ALA A 303 -0.33 -11.37 -11.60
C ALA A 303 -1.04 -11.12 -10.28
N LEU A 304 -0.82 -11.99 -9.30
CA LEU A 304 -1.45 -11.86 -7.97
C LEU A 304 -1.04 -10.58 -7.23
N ALA A 305 0.22 -10.18 -7.38
CA ALA A 305 0.76 -9.01 -6.73
C ALA A 305 0.03 -7.74 -7.17
N LYS A 306 -0.60 -7.79 -8.34
CA LYS A 306 -1.29 -6.62 -8.86
C LYS A 306 -2.63 -6.39 -8.17
N SER A 307 -3.18 -7.47 -7.64
CA SER A 307 -4.54 -7.48 -7.11
C SER A 307 -4.66 -7.01 -5.66
N PRO A 308 -5.80 -6.39 -5.33
CA PRO A 308 -6.17 -6.20 -3.92
C PRO A 308 -6.16 -7.54 -3.18
N LYS A 309 -6.02 -7.50 -1.85
CA LYS A 309 -6.13 -8.71 -1.06
C LYS A 309 -7.49 -8.75 -0.37
N LEU A 310 -8.37 -9.62 -0.85
CA LEU A 310 -9.73 -9.72 -0.32
C LEU A 310 -10.19 -11.15 -0.08
N ASP A 311 -11.05 -11.32 0.92
CA ASP A 311 -11.69 -12.59 1.19
C ASP A 311 -12.77 -12.77 0.12
N LEU A 312 -12.46 -13.58 -0.89
CA LEU A 312 -13.29 -13.65 -2.09
C LEU A 312 -14.73 -14.10 -1.85
N GLU A 313 -14.93 -15.09 -0.99
CA GLU A 313 -16.29 -15.54 -0.74
C GLU A 313 -17.10 -14.47 0.02
N LYS A 314 -16.40 -13.43 0.49
CA LYS A 314 -17.08 -12.37 1.20
C LYS A 314 -17.45 -11.19 0.30
N LEU A 315 -17.03 -11.25 -0.96
CA LEU A 315 -17.43 -10.27 -1.96
C LEU A 315 -18.94 -10.13 -1.98
N PRO A 316 -19.44 -8.89 -1.89
CA PRO A 316 -20.87 -8.61 -1.81
C PRO A 316 -21.55 -8.74 -3.17
N LEU A 317 -21.50 -9.94 -3.74
CA LEU A 317 -22.04 -10.18 -5.07
C LEU A 317 -23.50 -9.81 -5.22
N ASP A 318 -24.31 -10.18 -4.23
CA ASP A 318 -25.73 -9.86 -4.30
C ASP A 318 -25.97 -8.34 -4.34
N ARG A 319 -25.27 -7.61 -3.48
CA ARG A 319 -25.34 -6.17 -3.45
C ARG A 319 -24.92 -5.58 -4.79
N ALA A 320 -23.89 -6.17 -5.40
CA ALA A 320 -23.43 -5.75 -6.70
C ALA A 320 -24.51 -5.94 -7.76
N LEU A 321 -25.19 -7.08 -7.73
CA LEU A 321 -26.25 -7.30 -8.70
C LEU A 321 -27.39 -6.30 -8.49
N ARG A 322 -27.72 -6.07 -7.22
CA ARG A 322 -28.76 -5.11 -6.86
C ARG A 322 -28.40 -3.73 -7.41
N LEU A 323 -27.14 -3.34 -7.24
CA LEU A 323 -26.65 -2.05 -7.67
C LEU A 323 -26.62 -1.92 -9.20
N LEU A 324 -26.34 -3.03 -9.87
CA LEU A 324 -26.27 -3.05 -11.33
C LEU A 324 -27.66 -2.98 -11.94
N ARG A 325 -28.65 -3.57 -11.26
CA ARG A 325 -30.04 -3.40 -11.66
C ARG A 325 -30.55 -2.00 -11.35
N GLU A 326 -30.22 -1.48 -10.17
CA GLU A 326 -30.73 -0.19 -9.78
C GLU A 326 -30.32 0.86 -10.79
N THR A 327 -29.05 0.80 -11.20
CA THR A 327 -28.48 1.80 -12.12
C THR A 327 -28.86 1.55 -13.57
N GLY A 328 -29.59 0.47 -13.86
CA GLY A 328 -29.99 0.18 -15.22
C GLY A 328 -28.98 -0.55 -16.10
N VAL A 329 -27.79 -0.82 -15.57
CA VAL A 329 -26.78 -1.56 -16.30
C VAL A 329 -27.23 -2.99 -16.56
N LEU A 330 -27.99 -3.54 -15.63
CA LEU A 330 -28.46 -4.90 -15.71
C LEU A 330 -29.99 -4.93 -15.53
N SER B 21 27.85 44.17 5.29
CA SER B 21 28.69 42.98 5.38
C SER B 21 28.28 42.09 6.54
N PRO B 22 28.16 42.66 7.73
CA PRO B 22 27.72 41.89 8.90
C PRO B 22 26.38 41.22 8.62
N THR B 23 26.42 39.92 8.36
CA THR B 23 25.24 39.18 7.99
C THR B 23 24.97 38.04 8.96
N LEU B 24 23.74 37.97 9.47
CA LEU B 24 23.31 36.82 10.27
C LEU B 24 23.55 35.51 9.51
N THR B 25 24.35 34.64 10.08
CA THR B 25 24.72 33.41 9.40
C THR B 25 24.23 32.19 10.17
N ILE B 26 23.49 31.34 9.46
CA ILE B 26 22.92 30.15 10.06
C ILE B 26 23.47 28.88 9.43
N TYR B 27 24.01 28.01 10.28
CA TYR B 27 24.28 26.62 9.90
C TYR B 27 23.05 25.78 10.22
N SER B 28 22.38 25.30 9.19
CA SER B 28 21.12 24.59 9.38
C SER B 28 21.21 23.11 9.02
N GLY B 29 20.85 22.26 9.97
CA GLY B 29 20.73 20.83 9.73
C GLY B 29 19.37 20.49 9.15
N ARG B 30 18.47 21.48 9.10
CA ARG B 30 17.15 21.28 8.51
C ARG B 30 17.21 21.45 7.00
N GLY B 31 16.32 20.75 6.30
CA GLY B 31 16.29 20.73 4.84
C GLY B 31 15.89 22.02 4.16
N GLN B 32 16.67 22.40 3.15
CA GLN B 32 16.46 23.68 2.48
C GLN B 32 15.07 23.85 1.88
N SER B 33 14.58 22.84 1.19
CA SER B 33 13.28 22.99 0.54
C SER B 33 12.14 23.08 1.56
N LEU B 34 12.38 22.57 2.75
CA LEU B 34 11.40 22.64 3.83
C LEU B 34 11.36 24.02 4.48
N VAL B 35 12.51 24.61 4.76
CA VAL B 35 12.54 25.79 5.63
C VAL B 35 12.96 27.10 4.97
N GLU B 36 13.48 27.05 3.75
CA GLU B 36 13.89 28.28 3.08
C GLU B 36 12.77 29.33 2.97
N PRO B 37 11.53 28.90 2.65
CA PRO B 37 10.46 29.91 2.54
C PRO B 37 10.31 30.71 3.82
N LEU B 38 10.56 30.06 4.95
CA LEU B 38 10.45 30.68 6.25
C LEU B 38 11.57 31.68 6.43
N VAL B 39 12.77 31.31 6.01
CA VAL B 39 13.91 32.22 6.05
C VAL B 39 13.65 33.45 5.19
N LYS B 40 13.13 33.21 3.99
CA LYS B 40 12.76 34.29 3.07
C LYS B 40 11.72 35.23 3.66
N GLN B 41 10.71 34.68 4.32
CA GLN B 41 9.70 35.51 4.95
C GLN B 41 10.31 36.37 6.08
N PHE B 42 11.24 35.77 6.82
CA PHE B 42 11.92 36.47 7.90
C PHE B 42 12.71 37.68 7.35
N GLU B 43 13.49 37.44 6.30
CA GLU B 43 14.27 38.51 5.69
C GLU B 43 13.37 39.64 5.21
N ALA B 44 12.26 39.25 4.58
CA ALA B 44 11.37 40.21 3.95
C ALA B 44 10.65 41.07 4.99
N GLU B 45 10.48 40.52 6.18
CA GLU B 45 9.71 41.19 7.21
C GLU B 45 10.53 42.00 8.18
N THR B 46 11.76 41.58 8.45
CA THR B 46 12.56 42.23 9.47
C THR B 46 13.62 43.06 8.81
N GLY B 47 13.91 42.76 7.54
CA GLY B 47 14.95 43.43 6.80
C GLY B 47 16.32 42.89 7.10
N ILE B 48 16.41 42.00 8.09
CA ILE B 48 17.66 41.37 8.45
C ILE B 48 18.03 40.34 7.38
N ARG B 49 19.20 40.51 6.77
CA ARG B 49 19.62 39.60 5.72
C ARG B 49 20.23 38.32 6.31
N VAL B 50 19.77 37.19 5.83
CA VAL B 50 20.22 35.92 6.37
C VAL B 50 20.94 35.11 5.31
N GLN B 51 22.04 34.50 5.73
CA GLN B 51 22.82 33.63 4.89
C GLN B 51 22.81 32.26 5.56
N VAL B 52 22.22 31.27 4.90
CA VAL B 52 22.09 29.96 5.48
C VAL B 52 22.96 28.93 4.78
N ARG B 53 23.74 28.19 5.55
CA ARG B 53 24.47 27.04 5.02
C ARG B 53 23.71 25.78 5.38
N TYR B 54 23.26 25.06 4.37
CA TYR B 54 22.50 23.83 4.60
C TYR B 54 23.38 22.57 4.62
N SER B 55 23.38 21.88 5.74
CA SER B 55 24.20 20.69 5.87
C SER B 55 23.43 19.63 6.66
N THR B 56 24.16 18.74 7.33
CA THR B 56 23.54 17.82 8.27
C THR B 56 24.07 18.18 9.63
N ASP B 57 23.29 17.86 10.65
CA ASP B 57 23.69 18.08 12.03
C ASP B 57 25.12 17.57 12.30
N ALA B 58 25.45 16.38 11.81
CA ALA B 58 26.78 15.80 12.00
C ALA B 58 27.90 16.59 11.31
N GLN B 59 27.71 16.95 10.05
CA GLN B 59 28.73 17.73 9.38
C GLN B 59 28.91 19.10 10.03
N ILE B 60 27.79 19.67 10.49
CA ILE B 60 27.83 20.98 11.13
C ILE B 60 28.68 20.88 12.41
N LEU B 61 28.37 19.89 13.25
CA LEU B 61 29.18 19.66 14.44
C LEU B 61 30.66 19.49 14.11
N ALA B 62 30.96 18.77 13.04
CA ALA B 62 32.34 18.58 12.63
C ALA B 62 32.96 19.93 12.23
N ALA B 63 32.21 20.72 11.45
CA ALA B 63 32.67 22.03 10.98
C ALA B 63 32.99 22.99 12.14
N LEU B 64 32.15 22.99 13.16
CA LEU B 64 32.34 23.86 14.30
C LEU B 64 33.59 23.53 15.13
N GLN B 65 33.91 22.24 15.25
CA GLN B 65 35.13 21.82 15.95
C GLN B 65 36.35 22.26 15.14
N GLU B 66 36.25 22.11 13.83
CA GLU B 66 37.35 22.40 12.94
C GLU B 66 37.59 23.89 12.86
N GLU B 67 36.51 24.67 12.77
CA GLU B 67 36.60 26.12 12.65
C GLU B 67 37.06 26.79 13.93
N GLY B 68 36.68 26.22 15.07
CA GLY B 68 36.93 26.86 16.35
C GLY B 68 36.48 28.31 16.36
N SER B 69 37.33 29.19 16.87
CA SER B 69 36.96 30.58 17.06
C SER B 69 36.80 31.32 15.73
N ARG B 70 37.25 30.70 14.65
CA ARG B 70 37.20 31.34 13.34
C ARG B 70 35.85 31.15 12.66
N SER B 71 34.94 30.46 13.34
CA SER B 71 33.62 30.15 12.78
C SER B 71 32.82 31.39 12.44
N PRO B 72 32.24 31.42 11.24
CA PRO B 72 31.35 32.52 10.83
C PRO B 72 29.89 32.31 11.24
N ALA B 73 29.54 31.16 11.82
CA ALA B 73 28.16 30.86 12.15
C ALA B 73 27.69 31.57 13.41
N ASP B 74 26.47 32.10 13.36
CA ASP B 74 25.83 32.70 14.53
C ASP B 74 24.89 31.72 15.21
N LEU B 75 24.17 30.94 14.41
CA LEU B 75 23.18 30.02 14.91
C LEU B 75 23.38 28.63 14.34
N PHE B 76 23.13 27.62 15.17
CA PHE B 76 23.02 26.25 14.72
C PHE B 76 21.53 25.90 14.83
N TRP B 77 20.88 25.77 13.68
CA TRP B 77 19.49 25.36 13.62
C TRP B 77 19.49 23.87 13.33
N ALA B 78 19.36 23.06 14.39
CA ALA B 78 19.51 21.61 14.31
C ALA B 78 18.23 20.89 13.93
N ASN B 79 18.37 19.80 13.16
CA ASN B 79 17.26 18.92 12.87
C ASN B 79 16.89 18.01 14.06
N THR B 80 17.85 17.68 14.93
CA THR B 80 17.56 16.96 16.18
C THR B 80 18.25 17.46 17.43
N ALA B 81 17.53 17.36 18.54
CA ALA B 81 18.03 17.70 19.87
C ALA B 81 19.41 17.14 20.24
N GLY B 82 19.65 15.89 19.88
CA GLY B 82 20.91 15.24 20.20
C GLY B 82 22.09 16.05 19.74
N ALA B 83 21.96 16.64 18.55
CA ALA B 83 23.02 17.44 17.98
C ALA B 83 23.29 18.69 18.84
N LEU B 84 22.21 19.31 19.32
CA LEU B 84 22.35 20.48 20.21
C LEU B 84 22.95 20.07 21.55
N GLY B 85 22.59 18.88 22.03
CA GLY B 85 23.20 18.31 23.21
C GLY B 85 24.71 18.19 23.04
N GLN B 86 25.14 17.65 21.90
CA GLN B 86 26.56 17.59 21.56
C GLN B 86 27.22 18.96 21.59
N ALA B 87 26.63 19.92 20.88
CA ALA B 87 27.22 21.23 20.77
C ALA B 87 27.32 21.88 22.15
N SER B 88 26.29 21.69 22.96
CA SER B 88 26.29 22.19 24.32
C SER B 88 27.43 21.54 25.12
N ALA B 89 27.47 20.21 25.12
CA ALA B 89 28.51 19.45 25.82
C ALA B 89 29.91 19.86 25.40
N LYS B 90 30.06 20.26 24.15
CA LYS B 90 31.33 20.77 23.64
C LYS B 90 31.52 22.24 24.02
N GLY B 91 30.60 22.78 24.80
CA GLY B 91 30.68 24.18 25.18
C GLY B 91 30.54 25.22 24.06
N LEU B 92 29.86 24.85 22.97
CA LEU B 92 29.74 25.76 21.83
C LEU B 92 28.60 26.80 21.91
N LEU B 93 27.67 26.62 22.85
CA LEU B 93 26.42 27.40 22.87
C LEU B 93 26.30 28.36 24.04
N ARG B 94 25.64 29.49 23.78
CA ARG B 94 25.37 30.49 24.82
C ARG B 94 24.12 30.16 25.62
N PRO B 95 24.12 30.51 26.91
CA PRO B 95 22.90 30.45 27.72
C PRO B 95 21.78 31.30 27.09
N LEU B 96 20.54 30.86 27.24
CA LEU B 96 19.38 31.59 26.73
C LEU B 96 18.56 32.12 27.88
N GLY B 97 17.82 33.21 27.62
CA GLY B 97 17.00 33.87 28.62
C GLY B 97 15.62 33.28 28.86
N GLU B 98 15.02 33.61 30.01
CA GLU B 98 13.72 33.08 30.39
C GLU B 98 12.64 33.37 29.35
N THR B 99 12.69 34.56 28.76
CA THR B 99 11.65 35.01 27.86
C THR B 99 11.53 34.07 26.69
N LEU B 100 12.67 33.73 26.13
CA LEU B 100 12.72 32.77 25.04
C LEU B 100 12.28 31.39 25.51
N LEU B 101 12.83 30.92 26.62
CA LEU B 101 12.62 29.55 27.09
C LEU B 101 11.26 29.30 27.74
N GLU B 102 10.47 30.35 27.96
CA GLU B 102 9.15 30.17 28.56
C GLU B 102 8.07 29.84 27.54
N LYS B 103 8.36 30.08 26.26
CA LYS B 103 7.38 29.91 25.20
C LYS B 103 7.07 28.44 24.87
N PRO B 104 8.12 27.60 24.68
CA PRO B 104 7.81 26.22 24.31
C PRO B 104 7.06 25.49 25.42
N ILE B 105 6.11 24.62 25.06
CA ILE B 105 5.27 23.92 26.03
C ILE B 105 5.97 22.73 26.66
N ALA B 106 7.11 22.34 26.10
CA ALA B 106 7.88 21.21 26.64
C ALA B 106 9.23 21.13 25.94
N PHE B 107 10.11 20.28 26.48
CA PHE B 107 11.37 19.92 25.84
C PHE B 107 12.48 20.95 25.95
N VAL B 108 12.32 21.92 26.86
CA VAL B 108 13.39 22.86 27.14
C VAL B 108 14.54 22.16 27.83
N PRO B 109 15.74 22.29 27.28
CA PRO B 109 16.84 21.52 27.88
C PRO B 109 17.23 22.10 29.24
N ALA B 110 17.58 21.20 30.16
CA ALA B 110 18.03 21.60 31.47
C ALA B 110 19.28 22.49 31.40
N SER B 111 20.09 22.29 30.37
CA SER B 111 21.26 23.13 30.15
C SER B 111 20.85 24.57 29.78
N ARG B 112 19.64 24.71 29.23
CA ARG B 112 19.11 26.01 28.80
C ARG B 112 20.02 26.69 27.78
N THR B 113 20.68 25.90 26.94
CA THR B 113 21.58 26.46 25.94
C THR B 113 21.03 26.38 24.51
N TRP B 114 19.78 25.96 24.38
CA TRP B 114 19.11 25.99 23.09
C TRP B 114 17.60 25.95 23.29
N VAL B 115 16.83 26.27 22.25
CA VAL B 115 15.38 26.28 22.32
C VAL B 115 14.75 25.26 21.35
N PRO B 116 13.81 24.46 21.87
CA PRO B 116 13.09 23.53 20.98
C PRO B 116 12.08 24.32 20.18
N VAL B 117 11.76 23.85 18.97
CA VAL B 117 10.96 24.61 18.03
C VAL B 117 9.75 23.79 17.54
N THR B 118 10.02 22.57 17.09
CA THR B 118 8.95 21.67 16.68
C THR B 118 9.25 20.29 17.24
N VAL B 119 8.21 19.47 17.30
CA VAL B 119 8.42 18.09 17.70
C VAL B 119 7.95 17.21 16.54
N ARG B 120 8.65 16.10 16.34
CA ARG B 120 8.23 15.10 15.36
C ARG B 120 8.29 13.71 15.99
N LEU B 121 7.61 12.75 15.36
CA LEU B 121 7.49 11.40 15.91
C LEU B 121 8.07 10.41 14.92
N ARG B 122 9.02 9.59 15.36
CA ARG B 122 9.48 8.47 14.55
C ARG B 122 8.32 7.49 14.37
N VAL B 123 8.14 7.02 13.15
CA VAL B 123 7.11 6.04 12.83
C VAL B 123 7.64 5.02 11.84
N LEU B 124 6.85 3.98 11.59
CA LEU B 124 7.21 3.03 10.56
C LEU B 124 6.25 3.18 9.38
N ALA B 125 6.79 3.57 8.24
CA ALA B 125 6.00 3.74 7.03
C ALA B 125 6.00 2.41 6.30
N TYR B 126 4.90 2.09 5.63
CA TYR B 126 4.83 0.81 4.94
C TYR B 126 3.79 0.83 3.83
N ASN B 127 3.98 -0.06 2.87
CA ASN B 127 3.05 -0.25 1.76
C ASN B 127 1.98 -1.22 2.20
N PRO B 128 0.73 -0.74 2.31
CA PRO B 128 -0.36 -1.55 2.88
C PRO B 128 -0.79 -2.65 1.91
N ASP B 129 -0.45 -2.51 0.64
CA ASP B 129 -0.73 -3.54 -0.35
C ASP B 129 0.23 -4.71 -0.20
N ARG B 130 1.32 -4.51 0.51
CA ARG B 130 2.36 -5.53 0.63
C ARG B 130 2.46 -6.08 2.04
N ILE B 131 1.96 -5.32 3.00
CA ILE B 131 2.16 -5.60 4.41
C ILE B 131 0.84 -5.34 5.09
N LYS B 132 0.43 -6.26 5.95
CA LYS B 132 -0.80 -6.11 6.72
C LYS B 132 -0.49 -5.52 8.09
N ALA B 133 -1.21 -4.47 8.46
CA ALA B 133 -0.95 -3.78 9.71
C ALA B 133 -0.79 -4.72 10.91
N GLU B 134 -1.65 -5.74 10.98
CA GLU B 134 -1.74 -6.62 12.15
C GLU B 134 -0.51 -7.48 12.33
N GLU B 135 0.23 -7.71 11.26
CA GLU B 135 1.43 -8.54 11.34
C GLU B 135 2.71 -7.79 11.72
N LEU B 136 2.71 -6.47 11.61
CA LEU B 136 3.89 -5.70 11.96
C LEU B 136 4.23 -5.88 13.44
N PRO B 137 5.53 -5.92 13.76
CA PRO B 137 5.99 -6.14 15.14
C PRO B 137 5.64 -4.98 16.08
N GLU B 138 5.55 -5.26 17.38
CA GLU B 138 5.26 -4.25 18.38
C GLU B 138 6.51 -3.48 18.80
N SER B 139 7.67 -3.95 18.35
CA SER B 139 8.92 -3.33 18.73
C SER B 139 9.89 -3.29 17.57
N LEU B 140 10.58 -2.16 17.43
CA LEU B 140 11.58 -1.96 16.39
C LEU B 140 12.72 -2.97 16.49
N LEU B 141 13.01 -3.45 17.71
CA LEU B 141 14.03 -4.49 17.87
C LEU B 141 13.67 -5.78 17.15
N ASP B 142 12.37 -6.02 16.94
CA ASP B 142 11.89 -7.22 16.27
C ASP B 142 11.75 -7.09 14.76
N LEU B 143 12.19 -5.96 14.22
CA LEU B 143 11.99 -5.67 12.80
C LEU B 143 12.78 -6.60 11.90
N PRO B 144 14.07 -6.81 12.21
CA PRO B 144 14.85 -7.78 11.42
C PRO B 144 14.22 -9.18 11.43
N ARG B 145 13.74 -9.62 12.58
CA ARG B 145 13.10 -10.93 12.68
C ARG B 145 11.91 -10.98 11.74
N PHE B 146 11.03 -10.00 11.89
CA PHE B 146 9.87 -9.89 11.05
C PHE B 146 10.24 -9.87 9.57
N ALA B 147 11.23 -9.05 9.21
CA ALA B 147 11.64 -8.94 7.81
C ALA B 147 12.14 -10.28 7.25
N ARG B 148 12.92 -10.98 8.07
CA ARG B 148 13.42 -12.30 7.69
C ARG B 148 12.25 -13.22 7.41
N GLU B 149 11.30 -13.26 8.33
CA GLU B 149 10.17 -14.16 8.20
C GLU B 149 9.25 -13.87 7.01
N LYS B 150 9.20 -12.63 6.56
CA LYS B 150 8.35 -12.32 5.40
C LYS B 150 9.15 -12.32 4.10
N GLY B 151 10.42 -12.74 4.17
CA GLY B 151 11.28 -12.71 2.99
C GLY B 151 11.50 -11.33 2.39
N LEU B 152 11.80 -10.34 3.24
CA LEU B 152 11.93 -8.96 2.78
C LEU B 152 13.37 -8.52 2.54
N VAL B 153 14.23 -9.48 2.22
CA VAL B 153 15.61 -9.18 1.80
C VAL B 153 15.63 -8.11 0.71
N GLY B 154 16.44 -7.07 0.90
CA GLY B 154 16.50 -5.96 -0.03
C GLY B 154 15.20 -5.18 -0.20
N ARG B 155 14.28 -5.33 0.74
CA ARG B 155 12.99 -4.64 0.64
C ARG B 155 12.66 -3.88 1.91
N VAL B 156 13.70 -3.57 2.67
CA VAL B 156 13.59 -2.67 3.80
C VAL B 156 14.40 -1.42 3.49
N GLY B 157 13.82 -0.25 3.74
CA GLY B 157 14.56 0.99 3.52
C GLY B 157 14.99 1.65 4.79
N TRP B 158 16.14 2.32 4.75
CA TRP B 158 16.51 3.20 5.85
C TRP B 158 17.26 4.43 5.37
N THR B 159 17.54 5.36 6.30
CA THR B 159 18.14 6.66 6.00
C THR B 159 19.29 6.96 6.95
N PRO B 160 20.43 6.29 6.73
CA PRO B 160 21.57 6.40 7.64
C PRO B 160 22.11 7.82 7.81
N THR B 161 22.07 8.66 6.77
CA THR B 161 22.61 10.01 6.90
C THR B 161 21.62 11.02 7.48
N TYR B 162 20.40 10.58 7.77
CA TYR B 162 19.38 11.49 8.27
C TYR B 162 19.44 11.58 9.82
N SER B 163 19.58 12.80 10.33
CA SER B 163 19.89 12.97 11.76
C SER B 163 18.82 12.43 12.72
N SER B 164 17.55 12.46 12.31
CA SER B 164 16.48 11.91 13.14
C SER B 164 16.61 10.41 13.32
N PHE B 165 17.07 9.74 12.26
CA PHE B 165 17.35 8.31 12.34
C PHE B 165 18.54 8.07 13.29
N GLN B 166 19.56 8.92 13.19
CA GLN B 166 20.72 8.80 14.05
C GLN B 166 20.34 9.03 15.51
N ASP B 167 19.41 9.95 15.75
CA ASP B 167 18.91 10.19 17.11
C ASP B 167 18.05 9.03 17.62
N MET B 168 17.31 8.40 16.71
CA MET B 168 16.59 7.19 17.09
C MET B 168 17.57 6.11 17.55
N VAL B 169 18.68 5.98 16.85
CA VAL B 169 19.68 4.99 17.25
C VAL B 169 20.33 5.37 18.58
N ALA B 170 20.67 6.64 18.77
CA ALA B 170 21.14 7.08 20.08
C ALA B 170 20.09 6.70 21.15
N GLY B 171 18.82 6.82 20.78
CA GLY B 171 17.72 6.51 21.68
C GLY B 171 17.74 5.05 22.07
N MET B 172 18.11 4.20 21.12
CA MET B 172 18.21 2.77 21.39
C MET B 172 19.39 2.46 22.31
N ILE B 173 20.50 3.14 22.10
CA ILE B 173 21.63 2.98 22.99
C ILE B 173 21.23 3.36 24.41
N ALA B 174 20.54 4.48 24.57
CA ALA B 174 20.07 4.92 25.89
C ALA B 174 19.07 3.95 26.52
N LEU B 175 18.20 3.34 25.73
CA LEU B 175 17.16 2.46 26.26
C LEU B 175 17.58 0.99 26.42
N TYR B 176 18.41 0.49 25.51
CA TYR B 176 18.72 -0.92 25.45
C TYR B 176 20.21 -1.18 25.60
N GLY B 177 21.01 -0.12 25.52
CA GLY B 177 22.45 -0.26 25.63
C GLY B 177 23.12 -0.47 24.29
N GLU B 178 24.41 -0.17 24.26
CA GLU B 178 25.20 -0.24 23.04
C GLU B 178 25.23 -1.64 22.41
N GLU B 179 25.17 -2.67 23.25
CA GLU B 179 25.31 -4.04 22.80
C GLU B 179 24.10 -4.49 21.96
N LYS B 180 22.91 -4.38 22.54
CA LYS B 180 21.66 -4.66 21.85
C LYS B 180 21.51 -3.83 20.58
N THR B 181 21.89 -2.54 20.65
CA THR B 181 21.74 -1.63 19.53
C THR B 181 22.64 -2.03 18.36
N ARG B 182 23.88 -2.37 18.69
CA ARG B 182 24.80 -2.82 17.66
C ARG B 182 24.28 -4.08 16.99
N GLU B 183 23.65 -4.95 17.78
CA GLU B 183 23.22 -6.21 17.22
C GLU B 183 21.95 -6.00 16.38
N TRP B 184 21.14 -5.02 16.75
CA TRP B 184 20.00 -4.66 15.93
C TRP B 184 20.49 -4.13 14.60
N LEU B 185 21.49 -3.26 14.65
CA LEU B 185 22.03 -2.66 13.45
C LEU B 185 22.56 -3.71 12.50
N LEU B 186 23.33 -4.65 13.05
CA LEU B 186 23.94 -5.69 12.22
C LEU B 186 22.87 -6.59 11.66
N ALA B 187 21.82 -6.85 12.43
CA ALA B 187 20.72 -7.66 11.96
C ALA B 187 19.96 -6.98 10.81
N MET B 188 19.84 -5.64 10.89
CA MET B 188 19.22 -4.87 9.81
C MET B 188 20.10 -4.93 8.56
N LYS B 189 21.40 -4.85 8.78
CA LYS B 189 22.36 -4.82 7.70
C LYS B 189 22.35 -6.14 6.93
N ALA B 190 22.03 -7.23 7.63
CA ALA B 190 22.01 -8.54 7.01
C ALA B 190 20.83 -8.69 6.06
N LEU B 191 19.80 -7.87 6.24
CA LEU B 191 18.65 -7.88 5.35
C LEU B 191 18.92 -7.17 4.01
N ALA B 192 20.16 -6.72 3.82
CA ALA B 192 20.54 -5.92 2.65
C ALA B 192 19.58 -4.74 2.40
N PRO B 193 19.42 -3.88 3.40
CA PRO B 193 18.46 -2.78 3.22
C PRO B 193 18.95 -1.77 2.21
N LYS B 194 18.02 -1.02 1.64
CA LYS B 194 18.38 0.08 0.76
C LYS B 194 18.42 1.40 1.54
N ALA B 195 19.47 2.16 1.29
CA ALA B 195 19.71 3.46 1.92
C ALA B 195 19.15 4.56 1.05
N TYR B 196 18.39 5.47 1.65
CA TYR B 196 17.90 6.63 0.92
C TYR B 196 18.48 7.94 1.45
N PRO B 197 18.88 8.83 0.53
CA PRO B 197 19.47 10.13 0.86
C PRO B 197 18.46 11.04 1.57
N SER B 198 17.17 10.79 1.32
CA SER B 198 16.12 11.62 1.92
C SER B 198 14.92 10.76 2.25
N ASN B 199 14.08 11.25 3.15
CA ASN B 199 12.85 10.55 3.52
C ASN B 199 11.82 10.46 2.40
N PRO B 200 11.61 11.57 1.69
CA PRO B 200 10.70 11.52 0.53
C PRO B 200 11.16 10.49 -0.52
N ALA B 201 12.46 10.37 -0.74
CA ALA B 201 12.96 9.35 -1.65
C ALA B 201 12.56 7.97 -1.17
N MET B 202 12.75 7.72 0.13
CA MET B 202 12.36 6.43 0.67
C MET B 202 10.86 6.18 0.52
N LEU B 203 10.02 7.18 0.80
CA LEU B 203 8.57 6.99 0.68
C LEU B 203 8.12 6.77 -0.76
N ASP B 204 8.81 7.39 -1.70
CA ASP B 204 8.56 7.14 -3.11
C ASP B 204 8.88 5.69 -3.43
N ALA B 205 9.97 5.19 -2.86
CA ALA B 205 10.41 3.83 -3.10
C ALA B 205 9.43 2.83 -2.51
N ILE B 206 8.83 3.17 -1.37
CA ILE B 206 7.83 2.30 -0.77
C ILE B 206 6.61 2.20 -1.68
N ARG B 207 6.12 3.34 -2.14
CA ARG B 207 4.95 3.34 -3.00
C ARG B 207 5.25 2.63 -4.33
N ALA B 208 6.45 2.83 -4.85
CA ALA B 208 6.89 2.20 -6.09
C ALA B 208 7.17 0.71 -5.95
N GLY B 209 7.29 0.22 -4.72
CA GLY B 209 7.52 -1.20 -4.50
C GLY B 209 8.97 -1.64 -4.53
N GLU B 210 9.90 -0.69 -4.42
CA GLU B 210 11.31 -1.03 -4.36
C GLU B 210 11.66 -1.51 -2.94
N VAL B 211 10.98 -0.95 -1.94
CA VAL B 211 11.03 -1.48 -0.58
C VAL B 211 9.62 -1.48 -0.03
N ASP B 212 9.40 -2.21 1.05
CA ASP B 212 8.05 -2.32 1.60
C ASP B 212 7.81 -1.50 2.86
N LEU B 213 8.87 -1.17 3.57
CA LEU B 213 8.73 -0.41 4.80
C LEU B 213 10.02 0.32 5.15
N GLY B 214 9.90 1.31 6.02
CA GLY B 214 11.03 2.10 6.46
C GLY B 214 10.69 3.00 7.63
N SER B 215 11.67 3.27 8.49
CA SER B 215 11.44 4.13 9.64
C SER B 215 11.63 5.59 9.24
N THR B 216 10.74 6.46 9.69
CA THR B 216 10.74 7.82 9.23
C THR B 216 10.12 8.76 10.27
N ASN B 217 10.00 10.04 9.92
CA ASN B 217 9.31 11.02 10.74
C ASN B 217 7.87 11.14 10.26
N HIS B 218 6.95 11.34 11.19
CA HIS B 218 5.52 11.33 10.87
C HIS B 218 5.13 12.36 9.80
N TYR B 219 5.75 13.54 9.85
CA TYR B 219 5.33 14.60 8.95
C TYR B 219 5.58 14.24 7.46
N TYR B 220 6.59 13.40 7.20
CA TYR B 220 6.81 12.95 5.83
C TYR B 220 5.64 12.11 5.32
N VAL B 221 5.08 11.27 6.19
CA VAL B 221 3.86 10.53 5.86
C VAL B 221 2.69 11.50 5.65
N VAL B 222 2.58 12.47 6.55
CA VAL B 222 1.53 13.48 6.45
C VAL B 222 1.58 14.22 5.11
N ARG B 223 2.78 14.63 4.72
CA ARG B 223 2.96 15.34 3.46
C ARG B 223 2.64 14.45 2.26
N PHE B 224 3.06 13.21 2.32
CA PHE B 224 2.81 12.25 1.25
C PHE B 224 1.30 12.10 1.05
N ARG B 225 0.59 11.95 2.15
CA ARG B 225 -0.86 11.76 2.08
C ARG B 225 -1.59 13.00 1.54
N ARG B 226 -1.22 14.17 2.03
CA ARG B 226 -1.83 15.40 1.52
C ARG B 226 -1.72 15.50 0.00
N ALA B 227 -0.63 14.95 -0.54
CA ALA B 227 -0.39 14.99 -1.98
C ALA B 227 -1.18 13.92 -2.73
N GLY B 228 -2.10 13.25 -2.03
CA GLY B 228 -2.99 12.28 -2.65
C GLY B 228 -2.50 10.85 -2.66
N TYR B 229 -1.38 10.59 -2.00
CA TYR B 229 -0.80 9.25 -2.00
C TYR B 229 -1.20 8.49 -0.75
N ARG B 230 -1.42 7.19 -0.91
CA ARG B 230 -1.81 6.37 0.22
C ARG B 230 -0.56 5.68 0.76
N LEU B 231 -0.50 5.55 2.07
CA LEU B 231 0.69 5.05 2.73
C LEU B 231 0.35 4.67 4.16
N GLY B 232 0.82 3.50 4.60
CA GLY B 232 0.56 3.06 5.95
C GLY B 232 1.51 3.67 6.95
N MET B 233 0.99 3.94 8.14
CA MET B 233 1.81 4.43 9.22
C MET B 233 1.60 3.58 10.46
N HIS B 234 2.67 2.98 10.94
CA HIS B 234 2.58 2.01 12.01
C HIS B 234 3.30 2.52 13.24
N HIS B 235 2.63 2.42 14.39
CA HIS B 235 3.26 2.74 15.67
C HIS B 235 3.63 1.47 16.41
N PHE B 236 4.80 1.48 17.04
CA PHE B 236 5.16 0.40 17.94
C PHE B 236 4.44 0.58 19.26
N ARG B 237 4.73 -0.25 20.25
CA ARG B 237 4.01 -0.14 21.52
C ARG B 237 4.52 1.07 22.28
N ASP B 238 3.63 1.71 23.02
CA ASP B 238 4.00 2.84 23.85
C ASP B 238 5.34 2.59 24.53
N GLY B 239 6.24 3.56 24.43
CA GLY B 239 7.53 3.46 25.07
C GLY B 239 8.63 2.87 24.19
N ASP B 240 8.25 2.28 23.07
CA ASP B 240 9.25 1.70 22.19
C ASP B 240 10.20 2.72 21.56
N ALA B 241 11.47 2.34 21.43
CA ALA B 241 12.45 3.17 20.76
C ALA B 241 11.98 3.66 19.38
N GLY B 242 11.30 2.81 18.64
CA GLY B 242 10.83 3.15 17.31
C GLY B 242 9.74 4.20 17.26
N ASN B 243 9.25 4.62 18.43
CA ASN B 243 8.25 5.69 18.53
C ASN B 243 8.83 6.97 19.06
N LEU B 244 10.15 7.12 19.00
CA LEU B 244 10.80 8.24 19.66
C LEU B 244 10.26 9.61 19.20
N ALA B 245 9.87 10.45 20.16
CA ALA B 245 9.53 11.83 19.85
C ALA B 245 10.79 12.70 19.90
N LEU B 246 11.08 13.36 18.79
CA LEU B 246 12.25 14.21 18.72
C LEU B 246 11.84 15.65 18.46
N VAL B 247 12.81 16.52 18.63
CA VAL B 247 12.54 17.93 18.61
C VAL B 247 13.61 18.61 17.75
N THR B 248 13.20 19.58 16.94
CA THR B 248 14.16 20.47 16.29
C THR B 248 14.43 21.60 17.24
N GLY B 249 15.57 22.27 17.09
CA GLY B 249 15.90 23.37 17.95
C GLY B 249 16.97 24.26 17.36
N ALA B 250 17.26 25.35 18.04
CA ALA B 250 18.30 26.26 17.60
C ALA B 250 19.05 26.79 18.79
N GLY B 251 20.36 26.96 18.60
CA GLY B 251 21.22 27.48 19.65
C GLY B 251 22.08 28.60 19.13
N LEU B 252 22.41 29.53 20.02
CA LEU B 252 23.28 30.65 19.71
C LEU B 252 24.73 30.27 20.02
N LEU B 253 25.60 30.41 19.03
CA LEU B 253 27.01 30.11 19.20
C LEU B 253 27.79 31.21 19.94
N LYS B 254 28.61 30.78 20.90
CA LYS B 254 29.44 31.69 21.67
C LYS B 254 30.32 32.59 20.82
N THR B 255 30.81 32.09 19.69
CA THR B 255 31.68 32.88 18.79
C THR B 255 30.95 34.03 18.07
N SER B 256 29.62 34.02 18.11
CA SER B 256 28.82 34.97 17.33
C SER B 256 29.03 36.44 17.70
N LYS B 257 29.11 37.29 16.68
CA LYS B 257 29.14 38.73 16.88
C LYS B 257 27.86 39.36 16.32
N ASN B 258 26.81 38.54 16.20
CA ASN B 258 25.50 38.98 15.74
C ASN B 258 24.44 38.54 16.73
N LEU B 259 24.67 38.83 18.00
CA LEU B 259 23.84 38.28 19.06
C LEU B 259 22.41 38.73 18.98
N ALA B 260 22.22 40.02 18.73
CA ALA B 260 20.90 40.62 18.75
C ALA B 260 20.02 40.08 17.62
N ALA B 261 20.62 39.90 16.46
CA ALA B 261 19.91 39.46 15.27
C ALA B 261 19.64 37.97 15.40
N ALA B 262 20.59 37.25 15.97
CA ALA B 262 20.43 35.82 16.14
C ALA B 262 19.32 35.52 17.15
N THR B 263 19.26 36.29 18.24
CA THR B 263 18.20 36.13 19.21
C THR B 263 16.85 36.47 18.58
N ARG B 264 16.83 37.53 17.77
CA ARG B 264 15.63 37.88 17.03
C ARG B 264 15.13 36.69 16.17
N PHE B 265 16.05 36.01 15.49
CA PHE B 265 15.67 34.88 14.67
C PHE B 265 15.13 33.70 15.50
N LEU B 266 15.72 33.48 16.67
CA LEU B 266 15.22 32.47 17.59
C LEU B 266 13.80 32.79 17.99
N THR B 267 13.55 34.06 18.32
CA THR B 267 12.22 34.51 18.70
C THR B 267 11.26 34.28 17.56
N TYR B 268 11.72 34.54 16.35
CA TYR B 268 10.91 34.35 15.17
C TYR B 268 10.49 32.89 14.99
N LEU B 269 11.40 31.96 15.30
CA LEU B 269 11.09 30.53 15.19
C LEU B 269 9.91 30.11 16.07
N LEU B 270 9.70 30.79 17.18
CA LEU B 270 8.58 30.50 18.08
C LEU B 270 7.39 31.43 17.81
N SER B 271 7.45 32.21 16.75
CA SER B 271 6.34 33.12 16.45
C SER B 271 5.16 32.36 15.85
N PRO B 272 3.95 32.90 16.01
CA PRO B 272 2.74 32.29 15.44
C PRO B 272 2.90 31.93 13.97
N GLN B 273 3.46 32.83 13.17
CA GLN B 273 3.53 32.59 11.74
C GLN B 273 4.56 31.52 11.37
N ALA B 274 5.68 31.48 12.10
CA ALA B 274 6.61 30.37 11.91
C ALA B 274 5.94 29.05 12.36
N GLN B 275 5.41 29.05 13.58
CA GLN B 275 4.77 27.85 14.11
C GLN B 275 3.64 27.36 13.20
N GLN B 276 2.84 28.29 12.70
CA GLN B 276 1.77 27.97 11.77
C GLN B 276 2.29 27.33 10.48
N TYR B 277 3.45 27.80 10.03
CA TYR B 277 4.10 27.29 8.83
C TYR B 277 4.58 25.84 9.03
N PHE B 278 5.21 25.60 10.17
CA PHE B 278 5.68 24.27 10.51
C PHE B 278 4.55 23.25 10.43
N VAL B 279 3.39 23.59 10.98
CA VAL B 279 2.29 22.63 11.03
C VAL B 279 1.55 22.58 9.71
N GLY B 280 1.26 23.75 9.13
CA GLY B 280 0.46 23.81 7.93
C GLY B 280 1.22 23.38 6.69
N ASN B 281 2.49 23.74 6.61
CA ASN B 281 3.27 23.41 5.43
C ASN B 281 4.06 22.12 5.61
N ILE B 282 4.65 21.93 6.77
CA ILE B 282 5.55 20.81 6.94
C ILE B 282 4.85 19.60 7.53
N GLY B 283 3.86 19.83 8.38
CA GLY B 283 3.10 18.74 8.96
C GLY B 283 3.59 18.29 10.32
N GLU B 284 4.58 19.00 10.87
CA GLU B 284 5.10 18.63 12.19
C GLU B 284 4.28 19.27 13.30
N TYR B 285 4.59 18.92 14.55
CA TYR B 285 3.89 19.45 15.72
C TYR B 285 4.56 20.72 16.24
N PRO B 286 3.75 21.76 16.50
CA PRO B 286 4.22 23.05 17.03
C PRO B 286 4.52 22.94 18.52
N LEU B 287 5.39 23.82 19.03
CA LEU B 287 5.72 23.79 20.44
C LEU B 287 5.16 24.98 21.22
N VAL B 288 4.49 25.89 20.53
CA VAL B 288 3.81 26.96 21.25
C VAL B 288 2.30 26.74 21.33
N LYS B 289 1.80 26.87 22.55
CA LYS B 289 0.40 26.59 22.82
C LYS B 289 -0.48 27.52 22.01
N GLY B 290 -1.53 26.97 21.44
CA GLY B 290 -2.52 27.77 20.75
C GLY B 290 -2.48 27.64 19.25
N VAL B 291 -1.39 27.15 18.68
CA VAL B 291 -1.38 26.99 17.23
C VAL B 291 -1.90 25.61 16.86
N ALA B 292 -2.98 25.62 16.07
CA ALA B 292 -3.85 24.47 15.91
C ALA B 292 -3.47 23.55 14.76
N LEU B 293 -3.72 22.26 14.95
CA LEU B 293 -3.60 21.29 13.86
C LEU B 293 -4.95 21.10 13.21
N ASP B 294 -4.96 20.65 11.97
CA ASP B 294 -6.18 20.14 11.36
C ASP B 294 -6.71 18.96 12.18
N PRO B 295 -8.04 18.79 12.19
CA PRO B 295 -8.75 17.75 12.95
C PRO B 295 -8.34 16.32 12.56
N ASN B 296 -7.88 16.15 11.34
CA ASN B 296 -7.60 14.81 10.80
C ASN B 296 -6.20 14.28 11.14
N LEU B 297 -5.39 15.10 11.79
CA LEU B 297 -4.06 14.67 12.19
C LEU B 297 -4.05 14.00 13.56
N LEU B 298 -3.14 13.05 13.74
CA LEU B 298 -2.92 12.48 15.06
C LEU B 298 -2.57 13.58 16.04
N PRO B 299 -3.40 13.76 17.08
CA PRO B 299 -3.13 14.83 18.05
C PRO B 299 -1.76 14.72 18.73
N LEU B 300 -1.26 15.87 19.13
CA LEU B 300 0.09 15.97 19.67
C LEU B 300 0.25 15.10 20.90
N GLU B 301 -0.74 15.15 21.79
CA GLU B 301 -0.63 14.44 23.06
C GLU B 301 -0.66 12.92 22.90
N GLU B 302 -1.48 12.43 21.96
CA GLU B 302 -1.49 11.01 21.62
C GLU B 302 -0.16 10.61 21.04
N ALA B 303 0.41 11.49 20.23
CA ALA B 303 1.68 11.21 19.61
C ALA B 303 2.75 11.08 20.69
N LEU B 304 2.78 12.02 21.63
CA LEU B 304 3.79 12.02 22.70
C LEU B 304 3.67 10.83 23.63
N ALA B 305 2.44 10.40 23.87
CA ALA B 305 2.16 9.25 24.73
C ALA B 305 2.77 7.96 24.19
N LYS B 306 3.06 7.94 22.89
CA LYS B 306 3.60 6.73 22.28
C LYS B 306 5.09 6.58 22.55
N SER B 307 5.73 7.71 22.79
CA SER B 307 7.20 7.81 22.90
C SER B 307 7.75 7.47 24.28
N PRO B 308 8.96 6.91 24.32
CA PRO B 308 9.75 6.84 25.56
C PRO B 308 9.90 8.24 26.17
N LYS B 309 10.17 8.31 27.47
CA LYS B 309 10.43 9.59 28.11
C LYS B 309 11.92 9.73 28.36
N LEU B 310 12.57 10.58 27.57
CA LEU B 310 14.03 10.75 27.65
C LEU B 310 14.46 12.22 27.65
N ASP B 311 15.57 12.48 28.33
CA ASP B 311 16.23 13.78 28.29
C ASP B 311 16.92 13.88 26.94
N LEU B 312 16.28 14.56 26.01
CA LEU B 312 16.72 14.57 24.62
C LEU B 312 18.14 15.08 24.39
N GLU B 313 18.54 16.15 25.07
CA GLU B 313 19.91 16.63 24.88
C GLU B 313 20.95 15.65 25.43
N LYS B 314 20.50 14.66 26.17
CA LYS B 314 21.40 13.65 26.73
C LYS B 314 21.53 12.41 25.82
N LEU B 315 20.75 12.37 24.75
CA LEU B 315 20.87 11.32 23.76
C LEU B 315 22.31 11.20 23.30
N PRO B 316 22.86 9.97 23.32
CA PRO B 316 24.27 9.73 22.99
C PRO B 316 24.52 9.78 21.49
N LEU B 317 24.26 10.93 20.87
CA LEU B 317 24.35 11.06 19.42
C LEU B 317 25.75 10.73 18.87
N ASP B 318 26.78 11.16 19.58
CA ASP B 318 28.13 10.89 19.13
C ASP B 318 28.43 9.38 19.14
N ARG B 319 28.03 8.71 20.20
CA ARG B 319 28.18 7.26 20.30
C ARG B 319 27.42 6.56 19.20
N ALA B 320 26.23 7.06 18.88
CA ALA B 320 25.42 6.51 17.80
C ALA B 320 26.12 6.63 16.45
N LEU B 321 26.69 7.79 16.17
CA LEU B 321 27.45 7.96 14.93
C LEU B 321 28.63 7.00 14.88
N ARG B 322 29.34 6.89 15.99
CA ARG B 322 30.49 6.01 16.11
C ARG B 322 30.04 4.58 15.78
N LEU B 323 28.92 4.19 16.37
CA LEU B 323 28.37 2.85 16.21
C LEU B 323 27.92 2.59 14.77
N LEU B 324 27.40 3.64 14.13
CA LEU B 324 26.92 3.54 12.75
C LEU B 324 28.06 3.44 11.78
N ARG B 325 29.17 4.09 12.09
CA ARG B 325 30.37 3.92 11.30
C ARG B 325 31.02 2.55 11.53
N GLU B 326 31.09 2.13 12.80
CA GLU B 326 31.73 0.88 13.13
C GLU B 326 31.08 -0.27 12.36
N THR B 327 29.75 -0.29 12.36
CA THR B 327 28.99 -1.35 11.72
C THR B 327 28.89 -1.21 10.20
N GLY B 328 29.47 -0.16 9.63
CA GLY B 328 29.42 0.02 8.18
C GLY B 328 28.17 0.68 7.60
N VAL B 329 27.16 0.93 8.43
CA VAL B 329 25.95 1.62 7.99
C VAL B 329 26.26 3.05 7.50
N LEU B 330 27.25 3.69 8.12
CA LEU B 330 27.62 5.06 7.79
C LEU B 330 29.13 5.12 7.52
#